data_8SSV
#
_entry.id   8SSV
#
_cell.length_a   51.902
_cell.length_b   65.429
_cell.length_c   75.376
_cell.angle_alpha   90.000
_cell.angle_beta   95.200
_cell.angle_gamma   90.000
#
_symmetry.space_group_name_H-M   'P 1 21 1'
#
loop_
_entity.id
_entity.type
_entity.pdbx_description
1 polymer Endoplasmin
2 non-polymer 8-[(6-IODO-1,3-BENZODIOXOL-5-YL)THIO]-9-[3-(ISOPROPYLAMINO)PROPYL]-9H-PURIN-6-AMINE
3 non-polymer 'TETRAETHYLENE GLYCOL'
4 non-polymer 'CALCIUM ION'
5 non-polymer 'ACETATE ION'
6 non-polymer DI(HYDROXYETHYL)ETHER
7 non-polymer 'MAGNESIUM ION'
8 water water
#
_entity_poly.entity_id   1
_entity_poly.type   'polypeptide(L)'
_entity_poly.pdbx_seq_one_letter_code
;GSHMLREKSEKFAFQAEVNRMMKLIINSLYKNKEIFLRELISNASDALDKIRLISLTDENALAGNEELTVKIKCDKEKNL
LHVTDTGVGMTREELVKNLGTIAKSGTSEFLNKMTEAQEDGQSTSELIGQFGVGFYSAFLVADKVIVTSKHNNDTQHIWE
SDSNEFSVIADPRGNTLGRGTTITLVLKEEASDYLELDTIKNLVKKYSQFINFPIYVWSSKTGGGGKTVWDWELMN
;
_entity_poly.pdbx_strand_id   A,B
#
loop_
_chem_comp.id
_chem_comp.type
_chem_comp.name
_chem_comp.formula
ACT non-polymer 'ACETATE ION' 'C2 H3 O2 -1'
CA non-polymer 'CALCIUM ION' 'Ca 2'
H71 non-polymer 8-[(6-IODO-1,3-BENZODIOXOL-5-YL)THIO]-9-[3-(ISOPROPYLAMINO)PROPYL]-9H-PURIN-6-AMINE 'C18 H21 I N6 O2 S'
MG non-polymer 'MAGNESIUM ION' 'Mg 2'
PEG non-polymer DI(HYDROXYETHYL)ETHER 'C4 H10 O3'
PG4 non-polymer 'TETRAETHYLENE GLYCOL' 'C8 H18 O5'
#
# COMPACT_ATOMS: atom_id res chain seq x y z
N ARG A 6 41.47 -20.62 0.25
CA ARG A 6 40.01 -20.51 0.13
C ARG A 6 39.46 -19.45 1.06
N GLU A 7 40.30 -18.49 1.44
CA GLU A 7 39.91 -17.40 2.34
C GLU A 7 40.10 -16.04 1.71
N LYS A 8 41.26 -15.77 1.11
CA LYS A 8 41.50 -14.49 0.46
C LYS A 8 40.53 -14.23 -0.68
N SER A 9 39.88 -15.28 -1.18
CA SER A 9 38.85 -15.16 -2.19
C SER A 9 37.44 -15.25 -1.62
N GLU A 10 37.30 -15.43 -0.30
CA GLU A 10 35.97 -15.45 0.32
C GLU A 10 35.77 -14.38 1.38
N LYS A 11 36.79 -14.04 2.16
CA LYS A 11 36.63 -13.03 3.22
C LYS A 11 36.96 -11.65 2.67
N PHE A 12 36.03 -10.71 2.84
CA PHE A 12 36.27 -9.32 2.48
C PHE A 12 35.83 -8.42 3.63
N ALA A 13 36.17 -7.14 3.51
CA ALA A 13 35.72 -6.12 4.46
C ALA A 13 35.12 -4.94 3.70
N PHE A 14 34.21 -4.23 4.38
CA PHE A 14 33.45 -3.15 3.76
C PHE A 14 34.32 -1.92 3.52
N GLN A 15 33.96 -1.14 2.51
CA GLN A 15 34.64 0.12 2.25
C GLN A 15 34.44 1.07 3.44
N ALA A 16 35.36 2.04 3.55
CA ALA A 16 35.29 3.00 4.64
C ALA A 16 33.99 3.80 4.59
N GLU A 17 33.60 4.24 3.39
CA GLU A 17 32.28 4.85 3.23
C GLU A 17 31.18 3.85 3.50
N VAL A 18 31.37 2.60 3.07
CA VAL A 18 30.34 1.57 3.27
C VAL A 18 30.11 1.33 4.76
N ASN A 19 31.19 1.21 5.52
CA ASN A 19 31.06 1.02 6.96
C ASN A 19 30.45 2.25 7.62
N ARG A 20 30.81 3.45 7.15
CA ARG A 20 30.25 4.67 7.71
C ARG A 20 28.75 4.77 7.47
N MET A 21 28.27 4.24 6.34
CA MET A 21 26.83 4.26 6.07
C MET A 21 26.04 3.51 7.13
N MET A 22 26.62 2.47 7.74
CA MET A 22 25.93 1.79 8.82
C MET A 22 25.71 2.73 10.00
N LYS A 23 26.73 3.53 10.34
CA LYS A 23 26.60 4.47 11.46
C LYS A 23 25.42 5.41 11.27
N LEU A 24 25.07 5.73 10.02
CA LEU A 24 23.90 6.55 9.76
C LEU A 24 22.61 5.75 9.94
N ILE A 25 22.52 4.57 9.32
CA ILE A 25 21.27 3.81 9.33
C ILE A 25 20.91 3.37 10.75
N ILE A 26 21.86 2.75 11.45
CA ILE A 26 21.57 2.19 12.76
C ILE A 26 21.24 3.31 13.75
N ASN A 27 22.04 4.37 13.76
CA ASN A 27 21.82 5.44 14.73
C ASN A 27 20.54 6.20 14.44
N SER A 28 20.21 6.41 13.16
CA SER A 28 19.05 7.24 12.83
C SER A 28 17.73 6.52 13.09
N LEU A 29 17.64 5.25 12.71
CA LEU A 29 16.38 4.50 12.77
C LEU A 29 16.25 3.69 14.05
N TYR A 30 16.92 4.11 15.13
CA TYR A 30 16.92 3.33 16.36
C TYR A 30 15.53 3.24 16.98
N LYS A 31 14.62 4.15 16.66
CA LYS A 31 13.25 4.10 17.17
C LYS A 31 12.29 3.41 16.22
N ASN A 32 12.69 3.19 14.97
CA ASN A 32 11.79 2.64 13.95
C ASN A 32 12.37 1.32 13.41
N LYS A 33 12.77 0.43 14.32
CA LYS A 33 13.48 -0.78 13.93
C LYS A 33 12.66 -1.66 13.00
N GLU A 34 11.34 -1.65 13.13
N GLU A 34 11.33 -1.65 13.13
CA GLU A 34 10.48 -2.51 12.33
CA GLU A 34 10.46 -2.53 12.38
C GLU A 34 10.35 -2.05 10.88
C GLU A 34 10.42 -2.18 10.89
N ILE A 35 11.05 -0.99 10.49
N ILE A 35 10.98 -1.03 10.50
CA ILE A 35 11.11 -0.58 9.09
CA ILE A 35 11.04 -0.63 9.10
C ILE A 35 11.84 -1.60 8.23
C ILE A 35 11.84 -1.61 8.24
N PHE A 36 12.60 -2.52 8.86
CA PHE A 36 13.44 -3.44 8.12
C PHE A 36 12.63 -4.33 7.18
N LEU A 37 11.47 -4.82 7.65
CA LEU A 37 10.66 -5.70 6.81
C LEU A 37 10.19 -4.97 5.57
N ARG A 38 9.74 -3.73 5.72
CA ARG A 38 9.37 -2.92 4.57
C ARG A 38 10.52 -2.83 3.57
N GLU A 39 11.73 -2.52 4.05
CA GLU A 39 12.86 -2.36 3.16
C GLU A 39 13.16 -3.66 2.41
N LEU A 40 13.15 -4.79 3.12
CA LEU A 40 13.44 -6.06 2.47
C LEU A 40 12.38 -6.41 1.45
N ILE A 41 11.13 -6.12 1.78
CA ILE A 41 10.01 -6.41 0.89
C ILE A 41 10.06 -5.54 -0.36
N SER A 42 10.50 -4.27 -0.22
CA SER A 42 10.66 -3.43 -1.40
C SER A 42 11.71 -4.02 -2.35
N ASN A 43 12.86 -4.41 -1.81
CA ASN A 43 13.92 -4.99 -2.64
C ASN A 43 13.40 -6.21 -3.39
N ALA A 44 12.70 -7.10 -2.67
CA ALA A 44 12.07 -8.26 -3.31
C ALA A 44 11.20 -7.83 -4.47
N SER A 45 10.37 -6.80 -4.28
CA SER A 45 9.50 -6.34 -5.36
C SER A 45 10.32 -5.77 -6.51
N ASP A 46 11.38 -5.00 -6.21
CA ASP A 46 12.25 -4.48 -7.27
C ASP A 46 12.87 -5.62 -8.06
N ALA A 47 13.36 -6.64 -7.36
CA ALA A 47 13.97 -7.78 -8.03
C ALA A 47 12.94 -8.56 -8.84
N LEU A 48 11.69 -8.59 -8.38
CA LEU A 48 10.63 -9.19 -9.18
C LEU A 48 10.31 -8.36 -10.41
N ASP A 49 10.28 -7.04 -10.27
CA ASP A 49 10.13 -6.19 -11.45
C ASP A 49 11.23 -6.46 -12.48
N LYS A 50 12.48 -6.60 -12.03
CA LYS A 50 13.58 -6.79 -12.97
C LYS A 50 13.41 -8.05 -13.80
N ILE A 51 13.26 -9.20 -13.13
CA ILE A 51 13.17 -10.45 -13.89
C ILE A 51 11.91 -10.45 -14.76
N ARG A 52 10.86 -9.78 -14.31
CA ARG A 52 9.66 -9.63 -15.14
C ARG A 52 9.94 -8.80 -16.38
N LEU A 53 10.69 -7.69 -16.24
CA LEU A 53 11.10 -6.93 -17.42
C LEU A 53 12.03 -7.73 -18.31
N ILE A 54 12.96 -8.47 -17.70
N ILE A 54 12.97 -8.47 -17.71
CA ILE A 54 13.90 -9.28 -18.48
CA ILE A 54 13.89 -9.26 -18.51
C ILE A 54 13.15 -10.36 -19.25
C ILE A 54 13.14 -10.34 -19.27
N SER A 55 12.11 -10.91 -18.65
CA SER A 55 11.32 -11.96 -19.28
C SER A 55 10.53 -11.45 -20.49
N LEU A 56 10.34 -10.14 -20.63
CA LEU A 56 9.74 -9.60 -21.85
C LEU A 56 10.64 -9.82 -23.05
N THR A 57 11.96 -9.75 -22.85
CA THR A 57 12.93 -9.88 -23.94
C THR A 57 13.66 -11.22 -23.95
N ASP A 58 13.47 -12.05 -22.94
CA ASP A 58 14.23 -13.28 -22.76
C ASP A 58 13.24 -14.40 -22.43
N GLU A 59 12.93 -15.24 -23.42
CA GLU A 59 11.94 -16.28 -23.24
C GLU A 59 12.41 -17.39 -22.30
N ASN A 60 13.69 -17.42 -21.95
CA ASN A 60 14.23 -18.39 -21.00
C ASN A 60 14.43 -17.80 -19.61
N ALA A 61 13.98 -16.57 -19.39
CA ALA A 61 14.30 -15.86 -18.15
C ALA A 61 13.69 -16.53 -16.93
N LEU A 62 12.52 -17.14 -17.08
CA LEU A 62 11.79 -17.67 -15.94
C LEU A 62 11.97 -19.18 -15.76
N ALA A 63 12.92 -19.79 -16.49
CA ALA A 63 13.01 -21.24 -16.57
C ALA A 63 13.32 -21.88 -15.21
N GLY A 64 14.21 -21.27 -14.42
CA GLY A 64 14.60 -21.85 -13.15
C GLY A 64 13.59 -21.72 -12.01
N ASN A 65 12.58 -20.86 -12.18
CA ASN A 65 11.45 -20.71 -11.27
C ASN A 65 10.34 -19.92 -11.98
N GLU A 66 9.18 -20.54 -12.24
CA GLU A 66 8.18 -19.86 -13.05
C GLU A 66 7.31 -18.89 -12.25
N GLU A 67 7.48 -18.88 -10.93
CA GLU A 67 6.68 -18.07 -10.00
C GLU A 67 7.35 -16.74 -9.69
N LEU A 68 6.51 -15.73 -9.44
CA LEU A 68 6.94 -14.34 -9.14
C LEU A 68 6.32 -13.95 -7.80
N THR A 69 6.96 -14.31 -6.70
CA THR A 69 6.39 -14.09 -5.39
C THR A 69 7.46 -13.75 -4.37
N VAL A 70 6.97 -13.33 -3.21
CA VAL A 70 7.72 -13.18 -1.98
C VAL A 70 7.10 -14.13 -0.95
N LYS A 71 7.95 -14.84 -0.21
CA LYS A 71 7.51 -15.80 0.80
C LYS A 71 8.31 -15.59 2.07
N ILE A 72 7.61 -15.28 3.17
CA ILE A 72 8.24 -14.92 4.44
C ILE A 72 7.98 -16.06 5.41
N LYS A 73 9.02 -16.51 6.10
CA LYS A 73 8.77 -17.56 7.05
C LYS A 73 9.67 -17.44 8.27
N CYS A 74 9.03 -17.47 9.45
CA CYS A 74 9.73 -17.44 10.73
C CYS A 74 10.12 -18.84 11.11
N ASP A 75 11.39 -19.01 11.50
CA ASP A 75 11.82 -20.27 12.09
C ASP A 75 12.21 -19.99 13.54
N LYS A 76 11.19 -19.97 14.41
CA LYS A 76 11.38 -19.60 15.81
C LYS A 76 12.31 -20.56 16.53
N GLU A 77 12.28 -21.85 16.19
CA GLU A 77 13.19 -22.81 16.82
C GLU A 77 14.64 -22.44 16.55
N LYS A 78 14.94 -21.98 15.34
CA LYS A 78 16.30 -21.63 14.96
C LYS A 78 16.60 -20.16 15.13
N ASN A 79 15.64 -19.38 15.62
CA ASN A 79 15.79 -17.94 15.80
C ASN A 79 16.06 -17.25 14.44
N LEU A 80 15.32 -17.66 13.41
CA LEU A 80 15.56 -17.14 12.07
C LEU A 80 14.29 -16.59 11.45
N LEU A 81 14.45 -15.54 10.65
CA LEU A 81 13.39 -14.96 9.83
C LEU A 81 13.90 -14.94 8.40
N HIS A 82 13.14 -15.53 7.48
CA HIS A 82 13.56 -15.69 6.08
C HIS A 82 12.64 -14.88 5.19
N VAL A 83 13.21 -14.14 4.24
CA VAL A 83 12.42 -13.41 3.26
C VAL A 83 12.93 -13.83 1.88
N THR A 84 12.08 -14.53 1.13
CA THR A 84 12.51 -15.20 -0.10
C THR A 84 11.68 -14.72 -1.27
N ASP A 85 12.36 -14.19 -2.28
CA ASP A 85 11.73 -13.72 -3.49
C ASP A 85 12.21 -14.55 -4.66
N THR A 86 11.35 -14.76 -5.63
CA THR A 86 11.79 -15.37 -6.88
C THR A 86 12.12 -14.29 -7.91
N GLY A 87 12.92 -13.32 -7.50
CA GLY A 87 13.28 -12.21 -8.36
C GLY A 87 14.48 -12.52 -9.23
N VAL A 88 15.16 -11.45 -9.65
CA VAL A 88 16.31 -11.58 -10.55
C VAL A 88 17.50 -12.28 -9.88
N GLY A 89 17.61 -12.25 -8.56
CA GLY A 89 18.78 -12.83 -7.90
C GLY A 89 20.00 -11.94 -8.07
N MET A 90 21.10 -12.35 -7.43
CA MET A 90 22.40 -11.74 -7.62
C MET A 90 23.50 -12.75 -7.92
N THR A 91 24.36 -12.38 -8.87
CA THR A 91 25.57 -13.14 -9.14
C THR A 91 26.55 -12.98 -7.99
N ARG A 92 27.62 -13.78 -8.01
CA ARG A 92 28.67 -13.63 -7.01
C ARG A 92 29.27 -12.24 -7.05
N GLU A 93 29.57 -11.75 -8.26
CA GLU A 93 30.15 -10.43 -8.40
C GLU A 93 29.26 -9.37 -7.76
N GLU A 94 27.95 -9.50 -7.94
CA GLU A 94 27.05 -8.54 -7.31
C GLU A 94 27.08 -8.65 -5.78
N LEU A 95 27.11 -9.88 -5.26
CA LEU A 95 27.18 -10.04 -3.80
C LEU A 95 28.48 -9.50 -3.24
N VAL A 96 29.55 -9.53 -4.03
CA VAL A 96 30.85 -9.08 -3.54
C VAL A 96 30.98 -7.56 -3.64
N LYS A 97 30.58 -6.99 -4.78
CA LYS A 97 30.82 -5.56 -5.03
C LYS A 97 29.69 -4.65 -4.59
N ASN A 98 28.49 -5.16 -4.35
CA ASN A 98 27.38 -4.27 -4.02
C ASN A 98 27.58 -3.92 -2.55
N LEU A 99 28.14 -2.75 -2.30
CA LEU A 99 28.35 -2.27 -0.95
C LEU A 99 28.50 -0.75 -0.98
N THR A 124 14.64 9.67 8.00
CA THR A 124 15.40 9.01 6.94
C THR A 124 14.73 7.70 6.51
N SER A 125 13.43 7.57 6.84
CA SER A 125 12.66 6.45 6.33
C SER A 125 12.56 6.48 4.81
N GLU A 126 12.61 7.67 4.21
CA GLU A 126 12.58 7.81 2.76
C GLU A 126 13.99 7.90 2.17
N LEU A 127 14.91 8.58 2.86
CA LEU A 127 16.28 8.71 2.36
C LEU A 127 16.96 7.34 2.26
N ILE A 128 16.63 6.40 3.14
CA ILE A 128 17.16 5.05 3.03
C ILE A 128 16.71 4.42 1.71
N GLY A 129 15.43 4.55 1.39
CA GLY A 129 14.95 4.10 0.10
C GLY A 129 15.45 4.93 -1.06
N GLN A 130 15.96 6.14 -0.79
CA GLN A 130 16.48 6.98 -1.86
C GLN A 130 17.82 6.43 -2.37
N PHE A 131 18.81 6.31 -1.48
CA PHE A 131 20.15 5.89 -1.86
C PHE A 131 20.32 4.38 -1.91
N GLY A 132 19.25 3.61 -1.75
CA GLY A 132 19.32 2.18 -1.97
C GLY A 132 19.98 1.36 -0.89
N VAL A 133 20.19 1.93 0.30
CA VAL A 133 20.86 1.23 1.38
C VAL A 133 19.85 0.68 2.40
N GLY A 134 18.59 0.54 2.02
CA GLY A 134 17.58 0.04 2.96
C GLY A 134 17.87 -1.36 3.45
N PHE A 135 18.59 -2.15 2.65
CA PHE A 135 18.93 -3.52 3.04
C PHE A 135 19.56 -3.56 4.43
N TYR A 136 20.49 -2.65 4.71
CA TYR A 136 21.20 -2.72 5.99
C TYR A 136 20.38 -2.25 7.18
N SER A 137 19.10 -1.90 6.99
CA SER A 137 18.21 -1.77 8.13
C SER A 137 17.89 -3.11 8.74
N ALA A 138 18.30 -4.21 8.11
CA ALA A 138 18.15 -5.53 8.74
C ALA A 138 18.99 -5.65 10.00
N PHE A 139 20.09 -4.91 10.09
CA PHE A 139 20.97 -4.99 11.24
C PHE A 139 20.45 -4.24 12.46
N LEU A 140 19.29 -3.59 12.35
CA LEU A 140 18.65 -3.04 13.54
C LEU A 140 18.11 -4.15 14.43
N VAL A 141 17.68 -5.26 13.83
CA VAL A 141 17.08 -6.38 14.55
C VAL A 141 17.90 -7.64 14.48
N ALA A 142 19.01 -7.66 13.74
CA ALA A 142 19.75 -8.90 13.51
C ALA A 142 21.21 -8.75 13.91
N ASP A 143 21.73 -9.77 14.59
CA ASP A 143 23.16 -9.84 14.83
C ASP A 143 23.92 -10.25 13.57
N LYS A 144 23.25 -10.90 12.63
CA LYS A 144 23.91 -11.41 11.44
C LYS A 144 22.87 -11.57 10.36
N VAL A 145 23.25 -11.22 9.14
CA VAL A 145 22.38 -11.31 7.98
C VAL A 145 23.04 -12.23 6.98
N ILE A 146 22.27 -13.18 6.44
N ILE A 146 22.29 -13.22 6.52
CA ILE A 146 22.78 -14.16 5.47
CA ILE A 146 22.75 -14.13 5.47
C ILE A 146 21.92 -14.10 4.22
C ILE A 146 21.90 -13.86 4.23
N VAL A 147 22.55 -13.85 3.07
CA VAL A 147 21.85 -13.67 1.80
C VAL A 147 22.23 -14.85 0.91
N THR A 148 21.24 -15.68 0.58
CA THR A 148 21.43 -16.77 -0.36
C THR A 148 20.79 -16.33 -1.67
N SER A 149 21.56 -16.26 -2.76
CA SER A 149 20.98 -15.77 -4.01
C SER A 149 21.40 -16.65 -5.17
N LYS A 150 20.50 -16.73 -6.15
CA LYS A 150 20.71 -17.46 -7.39
C LYS A 150 20.28 -16.56 -8.54
N HIS A 151 21.22 -16.25 -9.42
CA HIS A 151 20.98 -15.50 -10.63
C HIS A 151 21.06 -16.45 -11.82
N ASN A 152 20.34 -16.12 -12.90
CA ASN A 152 20.29 -17.02 -14.04
C ASN A 152 21.68 -17.32 -14.60
N ASN A 153 22.58 -16.33 -14.60
CA ASN A 153 23.91 -16.52 -15.19
C ASN A 153 24.99 -16.89 -14.17
N ASP A 154 24.65 -17.54 -13.07
CA ASP A 154 25.68 -17.83 -12.09
C ASP A 154 25.18 -18.91 -11.15
N THR A 155 26.10 -19.53 -10.43
CA THR A 155 25.67 -20.52 -9.46
C THR A 155 25.16 -19.82 -8.21
N GLN A 156 24.54 -20.62 -7.34
CA GLN A 156 23.98 -20.09 -6.10
C GLN A 156 25.11 -19.83 -5.11
N HIS A 157 24.99 -18.71 -4.39
CA HIS A 157 26.02 -18.27 -3.46
C HIS A 157 25.39 -17.82 -2.16
N ILE A 158 26.20 -17.82 -1.11
CA ILE A 158 25.83 -17.34 0.21
C ILE A 158 26.72 -16.17 0.59
N TRP A 159 26.12 -15.06 0.99
CA TRP A 159 26.80 -13.90 1.56
C TRP A 159 26.42 -13.83 3.03
N GLU A 160 27.37 -13.51 3.90
CA GLU A 160 27.02 -13.43 5.31
C GLU A 160 27.85 -12.31 5.94
N SER A 161 27.27 -11.63 6.92
CA SER A 161 27.99 -10.54 7.55
C SER A 161 27.40 -10.26 8.91
N ASP A 162 28.24 -9.73 9.80
CA ASP A 162 27.81 -9.13 11.06
C ASP A 162 27.85 -7.61 11.02
N SER A 163 27.99 -7.04 9.82
CA SER A 163 28.16 -5.61 9.53
C SER A 163 29.56 -5.10 9.90
N ASN A 164 30.51 -5.99 10.20
CA ASN A 164 31.92 -5.61 10.35
C ASN A 164 32.75 -6.08 9.16
N GLU A 165 32.75 -7.37 8.89
CA GLU A 165 33.24 -7.93 7.63
C GLU A 165 32.11 -8.71 6.96
N PHE A 166 32.40 -9.24 5.78
CA PHE A 166 31.46 -10.13 5.11
C PHE A 166 32.26 -11.15 4.32
N SER A 167 31.60 -12.27 4.00
CA SER A 167 32.19 -13.28 3.16
C SER A 167 31.15 -13.72 2.15
N VAL A 168 31.62 -14.26 1.03
CA VAL A 168 30.77 -14.80 -0.02
C VAL A 168 31.34 -16.15 -0.42
N ILE A 169 30.50 -17.19 -0.37
CA ILE A 169 30.96 -18.54 -0.70
C ILE A 169 29.98 -19.17 -1.68
N ALA A 170 30.49 -20.10 -2.49
CA ALA A 170 29.61 -20.97 -3.23
C ALA A 170 28.70 -21.72 -2.27
N ASP A 171 27.41 -21.80 -2.59
CA ASP A 171 26.50 -22.54 -1.73
C ASP A 171 26.74 -24.05 -1.85
N PRO A 172 27.17 -24.73 -0.78
CA PRO A 172 27.36 -26.19 -0.88
C PRO A 172 26.07 -26.98 -1.11
N ARG A 173 24.90 -26.37 -0.95
CA ARG A 173 23.66 -27.06 -1.23
C ARG A 173 23.28 -27.03 -2.70
N GLY A 174 24.05 -26.34 -3.53
CA GLY A 174 23.74 -26.25 -4.94
C GLY A 174 22.60 -25.28 -5.19
N ASN A 175 21.91 -25.49 -6.31
CA ASN A 175 20.84 -24.60 -6.73
C ASN A 175 19.53 -25.07 -6.11
N THR A 176 19.24 -24.55 -4.90
CA THR A 176 17.99 -24.87 -4.22
C THR A 176 16.92 -23.82 -4.44
N LEU A 177 17.31 -22.56 -4.67
CA LEU A 177 16.35 -21.50 -4.92
C LEU A 177 15.79 -21.55 -6.33
N GLY A 178 16.50 -22.13 -7.28
CA GLY A 178 16.07 -22.04 -8.68
C GLY A 178 16.33 -20.69 -9.34
N ARG A 179 15.87 -19.61 -8.72
CA ARG A 179 16.16 -18.22 -9.07
C ARG A 179 15.61 -17.37 -7.94
N GLY A 180 16.31 -16.29 -7.60
CA GLY A 180 15.84 -15.39 -6.56
C GLY A 180 16.79 -15.27 -5.38
N THR A 181 16.27 -14.84 -4.23
CA THR A 181 17.13 -14.44 -3.13
C THR A 181 16.42 -14.63 -1.81
N THR A 182 17.07 -15.30 -0.87
CA THR A 182 16.58 -15.42 0.49
C THR A 182 17.40 -14.51 1.39
N ILE A 183 16.73 -13.62 2.13
CA ILE A 183 17.36 -12.83 3.19
C ILE A 183 17.07 -13.52 4.51
N THR A 184 18.11 -14.01 5.18
CA THR A 184 17.95 -14.71 6.45
C THR A 184 18.48 -13.83 7.58
N LEU A 185 17.65 -13.62 8.60
CA LEU A 185 18.00 -12.77 9.72
C LEU A 185 18.19 -13.62 10.96
N VAL A 186 19.38 -13.58 11.55
CA VAL A 186 19.60 -14.13 12.87
C VAL A 186 19.24 -13.02 13.85
N LEU A 187 18.06 -13.14 14.45
CA LEU A 187 17.50 -12.04 15.24
C LEU A 187 18.24 -11.86 16.55
N LYS A 188 18.35 -10.61 16.96
CA LYS A 188 18.87 -10.29 18.28
C LYS A 188 17.90 -10.80 19.35
N GLU A 189 18.43 -10.97 20.56
CA GLU A 189 17.62 -11.45 21.67
C GLU A 189 16.40 -10.58 21.89
N GLU A 190 16.53 -9.27 21.69
CA GLU A 190 15.42 -8.35 21.91
C GLU A 190 14.45 -8.31 20.73
N ALA A 191 14.81 -8.87 19.58
CA ALA A 191 13.94 -8.92 18.41
C ALA A 191 13.20 -10.26 18.30
N SER A 192 13.01 -10.94 19.43
CA SER A 192 12.35 -12.24 19.46
C SER A 192 10.96 -12.19 18.83
N ASP A 193 10.29 -11.04 18.91
CA ASP A 193 8.90 -10.94 18.49
C ASP A 193 8.73 -11.19 17.00
N TYR A 194 9.77 -10.94 16.21
CA TYR A 194 9.67 -11.13 14.78
C TYR A 194 9.64 -12.60 14.39
N LEU A 195 9.80 -13.50 15.34
CA LEU A 195 9.60 -14.92 15.09
C LEU A 195 8.14 -15.32 15.28
N GLU A 196 7.29 -14.39 15.68
CA GLU A 196 5.89 -14.65 15.99
C GLU A 196 5.03 -14.40 14.77
N LEU A 197 4.09 -15.32 14.53
CA LEU A 197 3.24 -15.26 13.34
C LEU A 197 2.34 -14.04 13.33
N ASP A 198 1.73 -13.70 14.47
CA ASP A 198 0.87 -12.52 14.48
C ASP A 198 1.67 -11.25 14.23
N THR A 199 2.89 -11.17 14.78
CA THR A 199 3.69 -9.97 14.59
C THR A 199 4.09 -9.79 13.12
N ILE A 200 4.62 -10.83 12.50
CA ILE A 200 5.09 -10.71 11.13
C ILE A 200 3.92 -10.50 10.18
N LYS A 201 2.78 -11.15 10.45
CA LYS A 201 1.61 -10.97 9.59
C LYS A 201 1.07 -9.55 9.69
N ASN A 202 1.01 -8.98 10.90
CA ASN A 202 0.56 -7.60 11.02
C ASN A 202 1.51 -6.64 10.33
N LEU A 203 2.82 -6.88 10.45
CA LEU A 203 3.81 -6.03 9.79
C LEU A 203 3.71 -6.10 8.27
N VAL A 204 3.55 -7.32 7.73
CA VAL A 204 3.52 -7.46 6.28
C VAL A 204 2.31 -6.74 5.69
N LYS A 205 1.16 -6.88 6.32
CA LYS A 205 -0.03 -6.18 5.83
C LYS A 205 0.17 -4.68 5.88
N LYS A 206 0.77 -4.18 6.97
CA LYS A 206 0.98 -2.75 7.11
C LYS A 206 1.97 -2.22 6.08
N TYR A 207 3.02 -3.00 5.78
CA TYR A 207 4.05 -2.57 4.85
C TYR A 207 3.86 -3.16 3.46
N SER A 208 2.61 -3.43 3.07
CA SER A 208 2.38 -3.81 1.68
C SER A 208 2.42 -2.53 0.84
N GLN A 209 3.48 -1.74 1.04
CA GLN A 209 3.75 -0.56 0.25
C GLN A 209 4.31 -0.94 -1.11
N PHE A 210 5.43 -1.65 -1.10
CA PHE A 210 6.08 -2.09 -2.33
C PHE A 210 5.73 -3.54 -2.64
N ILE A 211 4.46 -3.78 -2.97
CA ILE A 211 4.16 -5.09 -3.56
C ILE A 211 2.94 -5.05 -4.48
N ASN A 212 3.18 -5.26 -5.78
CA ASN A 212 2.16 -5.73 -6.70
C ASN A 212 2.41 -7.17 -7.11
N PHE A 213 3.32 -7.86 -6.42
CA PHE A 213 3.48 -9.29 -6.44
C PHE A 213 2.95 -9.87 -5.14
N PRO A 214 2.43 -11.09 -5.18
CA PRO A 214 1.89 -11.71 -3.96
C PRO A 214 2.95 -11.85 -2.87
N ILE A 215 2.52 -11.63 -1.62
CA ILE A 215 3.36 -11.86 -0.47
C ILE A 215 2.69 -12.91 0.42
N TYR A 216 3.44 -13.95 0.75
CA TYR A 216 2.96 -15.06 1.56
C TYR A 216 3.76 -15.15 2.85
N VAL A 217 3.06 -15.54 3.92
CA VAL A 217 3.67 -15.87 5.19
C VAL A 217 3.39 -17.35 5.46
N TRP A 218 4.45 -18.11 5.73
CA TRP A 218 4.29 -19.50 6.13
C TRP A 218 3.48 -19.53 7.42
N SER A 219 2.27 -20.06 7.32
CA SER A 219 1.31 -20.04 8.42
C SER A 219 1.27 -21.40 9.09
N SER A 220 2.41 -21.78 9.65
CA SER A 220 2.56 -23.07 10.30
C SER A 220 3.87 -23.09 11.05
N LYS A 221 4.01 -24.07 11.95
CA LYS A 221 5.20 -24.23 12.77
C LYS A 221 5.90 -25.56 12.47
N GLY A 226 3.80 -28.15 9.76
CA GLY A 226 3.01 -28.01 8.55
C GLY A 226 3.61 -28.79 7.40
N LYS A 227 2.77 -29.21 6.46
CA LYS A 227 3.17 -30.15 5.42
C LYS A 227 2.74 -29.81 4.01
N THR A 228 1.83 -28.87 3.81
CA THR A 228 1.22 -28.65 2.50
C THR A 228 1.41 -27.23 1.99
N VAL A 229 1.11 -27.06 0.69
CA VAL A 229 1.23 -25.77 0.03
C VAL A 229 0.10 -24.82 0.40
N TRP A 230 -1.01 -25.33 0.94
CA TRP A 230 -2.07 -24.47 1.46
C TRP A 230 -1.74 -23.91 2.84
N ASP A 231 -0.50 -24.06 3.29
CA ASP A 231 -0.04 -23.49 4.55
C ASP A 231 0.56 -22.11 4.37
N TRP A 232 0.51 -21.57 3.17
CA TRP A 232 0.94 -20.20 2.91
C TRP A 232 -0.28 -19.30 2.98
N GLU A 233 -0.20 -18.23 3.77
CA GLU A 233 -1.26 -17.23 3.79
C GLU A 233 -0.87 -16.07 2.89
N LEU A 234 -1.71 -15.79 1.89
CA LEU A 234 -1.49 -14.64 1.02
C LEU A 234 -1.80 -13.36 1.78
N MET A 235 -0.82 -12.46 1.85
CA MET A 235 -0.95 -11.29 2.74
C MET A 235 -1.54 -10.06 2.05
N ASN A 236 -1.45 -9.96 0.72
CA ASN A 236 -1.84 -8.72 0.04
C ASN A 236 -2.69 -8.99 -1.19
N GLY B 1 -43.54 20.81 2.10
CA GLY B 1 -44.73 20.45 1.35
C GLY B 1 -44.80 21.23 0.06
N SER B 2 -44.22 22.42 0.13
CA SER B 2 -43.94 23.28 -1.00
C SER B 2 -42.42 23.39 -1.10
N HIS B 3 -41.95 24.30 -1.96
CA HIS B 3 -40.52 24.57 -2.00
C HIS B 3 -40.01 25.08 -0.66
N MET B 4 -40.88 25.73 0.13
CA MET B 4 -40.43 26.46 1.31
C MET B 4 -39.95 25.53 2.42
N LEU B 5 -40.53 24.34 2.54
CA LEU B 5 -40.15 23.40 3.58
C LEU B 5 -38.97 22.52 3.19
N ARG B 6 -38.51 22.61 1.94
CA ARG B 6 -37.35 21.81 1.52
C ARG B 6 -36.09 22.26 2.24
N GLU B 7 -35.71 23.53 2.08
CA GLU B 7 -34.44 24.01 2.60
C GLU B 7 -34.35 23.85 4.12
N LYS B 8 -35.47 23.91 4.82
CA LYS B 8 -35.45 23.69 6.27
C LYS B 8 -34.97 22.28 6.59
N SER B 9 -35.39 21.29 5.81
CA SER B 9 -34.99 19.91 6.00
C SER B 9 -33.81 19.48 5.12
N GLU B 10 -33.36 20.35 4.20
CA GLU B 10 -32.27 20.00 3.30
C GLU B 10 -30.94 20.62 3.69
N LYS B 11 -30.93 21.88 4.11
CA LYS B 11 -29.70 22.56 4.48
C LYS B 11 -29.38 22.31 5.95
N PHE B 12 -28.10 22.08 6.25
CA PHE B 12 -27.66 21.98 7.63
C PHE B 12 -26.32 22.71 7.76
N ALA B 13 -25.87 22.83 9.01
CA ALA B 13 -24.63 23.52 9.32
C ALA B 13 -23.75 22.64 10.19
N PHE B 14 -22.45 22.82 10.05
CA PHE B 14 -21.49 22.11 10.88
C PHE B 14 -21.54 22.62 12.31
N GLN B 15 -21.33 21.71 13.27
CA GLN B 15 -21.26 22.11 14.67
C GLN B 15 -20.02 22.97 14.90
N ALA B 16 -20.03 23.69 16.02
CA ALA B 16 -18.94 24.61 16.32
C ALA B 16 -17.61 23.86 16.45
N GLU B 17 -17.61 22.73 17.14
CA GLU B 17 -16.39 21.95 17.29
C GLU B 17 -15.89 21.42 15.96
N VAL B 18 -16.79 21.10 15.03
CA VAL B 18 -16.38 20.54 13.75
C VAL B 18 -15.65 21.58 12.91
N ASN B 19 -16.26 22.74 12.73
CA ASN B 19 -15.71 23.73 11.81
C ASN B 19 -14.36 24.26 12.28
N ARG B 20 -14.06 24.17 13.58
CA ARG B 20 -12.73 24.51 14.05
C ARG B 20 -11.70 23.49 13.59
N MET B 21 -12.04 22.20 13.64
CA MET B 21 -11.16 21.15 13.14
C MET B 21 -10.82 21.36 11.68
N MET B 22 -11.77 21.88 10.90
CA MET B 22 -11.55 22.06 9.48
C MET B 22 -10.39 23.00 9.22
N LYS B 23 -10.35 24.12 9.95
CA LYS B 23 -9.23 25.06 9.81
C LYS B 23 -7.93 24.43 10.28
N LEU B 24 -7.96 23.62 11.34
CA LEU B 24 -6.76 22.92 11.77
C LEU B 24 -6.24 22.01 10.68
N ILE B 25 -7.13 21.31 9.99
CA ILE B 25 -6.74 20.48 8.85
C ILE B 25 -6.02 21.31 7.80
N ILE B 26 -6.62 22.44 7.42
CA ILE B 26 -6.06 23.27 6.36
C ILE B 26 -4.70 23.82 6.77
N ASN B 27 -4.63 24.41 7.97
CA ASN B 27 -3.38 25.02 8.42
C ASN B 27 -2.29 23.97 8.57
N SER B 28 -2.64 22.78 9.06
CA SER B 28 -1.65 21.76 9.34
C SER B 28 -1.20 20.97 8.12
N LEU B 29 -1.86 21.13 6.98
CA LEU B 29 -1.60 20.21 5.88
C LEU B 29 -1.40 20.91 4.55
N TYR B 30 -1.06 22.21 4.56
CA TYR B 30 -0.88 22.92 3.29
C TYR B 30 0.38 22.47 2.57
N LYS B 31 1.36 21.94 3.29
CA LYS B 31 2.58 21.49 2.63
C LYS B 31 2.36 20.19 1.87
N ASN B 32 1.42 19.36 2.32
CA ASN B 32 1.20 18.05 1.72
C ASN B 32 -0.27 17.95 1.37
N LYS B 33 -0.65 18.47 0.20
CA LYS B 33 -2.05 18.53 -0.21
C LYS B 33 -2.52 17.27 -0.92
N GLU B 34 -1.61 16.49 -1.51
N GLU B 34 -1.59 16.50 -1.51
CA GLU B 34 -2.05 15.32 -2.27
CA GLU B 34 -1.93 15.30 -2.26
C GLU B 34 -2.40 14.14 -1.39
C GLU B 34 -2.41 14.16 -1.39
N ILE B 35 -2.25 14.26 -0.07
CA ILE B 35 -2.68 13.21 0.84
C ILE B 35 -4.18 12.98 0.76
N PHE B 36 -4.93 13.93 0.20
CA PHE B 36 -6.38 13.78 0.10
C PHE B 36 -6.75 12.49 -0.61
N LEU B 37 -6.04 12.14 -1.69
CA LEU B 37 -6.37 10.91 -2.41
C LEU B 37 -6.14 9.69 -1.53
N ARG B 38 -5.08 9.72 -0.70
CA ARG B 38 -4.86 8.64 0.26
C ARG B 38 -6.08 8.46 1.16
N GLU B 39 -6.57 9.54 1.76
CA GLU B 39 -7.64 9.43 2.74
C GLU B 39 -8.92 8.90 2.09
N LEU B 40 -9.26 9.42 0.90
CA LEU B 40 -10.46 8.95 0.21
C LEU B 40 -10.34 7.48 -0.15
N ILE B 41 -9.18 7.07 -0.62
CA ILE B 41 -8.96 5.68 -1.00
C ILE B 41 -9.04 4.78 0.23
N SER B 42 -8.56 5.27 1.37
CA SER B 42 -8.62 4.47 2.59
C SER B 42 -10.05 4.36 3.11
N ASN B 43 -10.83 5.45 3.06
CA ASN B 43 -12.24 5.35 3.40
C ASN B 43 -12.94 4.38 2.47
N ALA B 44 -12.68 4.49 1.17
CA ALA B 44 -13.28 3.56 0.21
C ALA B 44 -12.95 2.13 0.58
N SER B 45 -11.71 1.87 1.01
CA SER B 45 -11.35 0.51 1.36
C SER B 45 -12.04 0.07 2.64
N ASP B 46 -12.28 1.00 3.58
CA ASP B 46 -13.03 0.65 4.79
C ASP B 46 -14.46 0.27 4.44
N ALA B 47 -15.06 1.01 3.50
CA ALA B 47 -16.43 0.75 3.09
C ALA B 47 -16.56 -0.60 2.39
N LEU B 48 -15.54 -0.99 1.62
CA LEU B 48 -15.54 -2.30 0.98
C LEU B 48 -15.35 -3.43 1.99
N ASP B 49 -14.45 -3.24 2.97
CA ASP B 49 -14.42 -4.20 4.08
C ASP B 49 -15.79 -4.39 4.71
N LYS B 50 -16.52 -3.29 4.97
CA LYS B 50 -17.76 -3.43 5.74
C LYS B 50 -18.80 -4.25 4.97
N ILE B 51 -19.05 -3.90 3.71
CA ILE B 51 -20.05 -4.63 2.95
C ILE B 51 -19.61 -6.07 2.74
N ARG B 52 -18.30 -6.31 2.64
CA ARG B 52 -17.84 -7.68 2.46
C ARG B 52 -17.99 -8.49 3.74
N LEU B 53 -17.83 -7.85 4.90
CA LEU B 53 -18.19 -8.52 6.15
C LEU B 53 -19.68 -8.77 6.25
N ILE B 54 -20.50 -7.78 5.87
N ILE B 54 -20.50 -7.78 5.85
CA ILE B 54 -21.95 -7.92 5.89
CA ILE B 54 -21.95 -7.95 5.91
C ILE B 54 -22.39 -9.08 5.01
C ILE B 54 -22.39 -9.09 5.00
N SER B 55 -21.74 -9.23 3.85
CA SER B 55 -22.08 -10.32 2.93
C SER B 55 -21.78 -11.70 3.49
N LEU B 56 -20.97 -11.81 4.56
CA LEU B 56 -20.74 -13.13 5.16
C LEU B 56 -22.03 -13.69 5.75
N THR B 57 -22.84 -12.82 6.35
CA THR B 57 -24.09 -13.20 7.00
C THR B 57 -25.31 -12.93 6.12
N ASP B 58 -25.30 -11.84 5.34
CA ASP B 58 -26.46 -11.36 4.63
C ASP B 58 -26.33 -11.81 3.17
N GLU B 59 -27.22 -12.72 2.75
CA GLU B 59 -27.08 -13.33 1.43
C GLU B 59 -27.26 -12.32 0.31
N ASN B 60 -28.01 -11.25 0.53
CA ASN B 60 -28.34 -10.28 -0.51
C ASN B 60 -27.56 -8.99 -0.37
N ALA B 61 -26.52 -8.96 0.47
CA ALA B 61 -25.78 -7.71 0.70
C ALA B 61 -25.25 -7.11 -0.59
N LEU B 62 -24.80 -7.95 -1.53
CA LEU B 62 -24.18 -7.49 -2.76
C LEU B 62 -25.15 -7.44 -3.94
N ALA B 63 -26.45 -7.64 -3.71
CA ALA B 63 -27.39 -7.74 -4.81
C ALA B 63 -27.43 -6.46 -5.65
N GLY B 64 -27.26 -5.30 -5.02
CA GLY B 64 -27.33 -4.06 -5.77
C GLY B 64 -26.15 -3.84 -6.70
N ASN B 65 -25.01 -4.43 -6.37
CA ASN B 65 -23.79 -4.25 -7.16
C ASN B 65 -22.87 -5.41 -6.76
N GLU B 66 -22.59 -6.32 -7.69
CA GLU B 66 -21.89 -7.54 -7.31
C GLU B 66 -20.38 -7.38 -7.20
N GLU B 67 -19.83 -6.22 -7.56
CA GLU B 67 -18.39 -6.00 -7.56
C GLU B 67 -17.94 -5.23 -6.32
N LEU B 68 -16.66 -5.39 -5.99
CA LEU B 68 -16.03 -4.75 -4.83
C LEU B 68 -14.78 -4.01 -5.33
N THR B 69 -14.98 -2.80 -5.83
CA THR B 69 -13.89 -2.08 -6.47
C THR B 69 -13.89 -0.62 -6.06
N VAL B 70 -12.80 0.05 -6.39
CA VAL B 70 -12.69 1.49 -6.38
C VAL B 70 -12.39 1.93 -7.80
N LYS B 71 -13.07 3.00 -8.24
CA LYS B 71 -12.90 3.50 -9.60
C LYS B 71 -12.74 5.00 -9.53
N ILE B 72 -11.61 5.48 -10.04
CA ILE B 72 -11.23 6.89 -10.04
C ILE B 72 -11.33 7.39 -11.46
N LYS B 73 -12.00 8.51 -11.65
CA LYS B 73 -11.95 9.10 -12.98
C LYS B 73 -11.93 10.62 -12.93
N CYS B 74 -11.05 11.19 -13.76
CA CYS B 74 -10.95 12.63 -13.95
C CYS B 74 -11.90 13.06 -15.05
N ASP B 75 -12.74 14.03 -14.77
CA ASP B 75 -13.48 14.72 -15.82
C ASP B 75 -12.85 16.10 -15.96
N LYS B 76 -11.85 16.18 -16.84
CA LYS B 76 -11.14 17.43 -17.09
C LYS B 76 -12.08 18.50 -17.65
N GLU B 77 -13.00 18.10 -18.53
CA GLU B 77 -13.87 19.07 -19.18
C GLU B 77 -14.72 19.84 -18.16
N LYS B 78 -15.08 19.20 -17.05
CA LYS B 78 -15.94 19.79 -16.05
C LYS B 78 -15.22 20.10 -14.75
N ASN B 79 -13.88 20.00 -14.74
CA ASN B 79 -13.09 20.27 -13.55
C ASN B 79 -13.47 19.37 -12.37
N LEU B 80 -13.68 18.07 -12.64
CA LEU B 80 -14.13 17.15 -11.59
C LEU B 80 -13.23 15.92 -11.49
N LEU B 81 -12.98 15.49 -10.26
CA LEU B 81 -12.33 14.22 -9.95
C LEU B 81 -13.32 13.35 -9.18
N HIS B 82 -13.56 12.13 -9.64
CA HIS B 82 -14.52 11.23 -8.98
C HIS B 82 -13.80 10.04 -8.38
N VAL B 83 -14.13 9.71 -7.13
CA VAL B 83 -13.61 8.50 -6.48
C VAL B 83 -14.81 7.66 -6.09
N THR B 84 -15.01 6.55 -6.79
CA THR B 84 -16.23 5.77 -6.61
C THR B 84 -15.88 4.38 -6.08
N ASP B 85 -16.61 3.94 -5.06
CA ASP B 85 -16.43 2.63 -4.48
C ASP B 85 -17.78 1.93 -4.46
N THR B 86 -17.76 0.61 -4.54
CA THR B 86 -18.96 -0.19 -4.45
C THR B 86 -19.08 -0.82 -3.06
N GLY B 87 -18.69 -0.08 -2.03
CA GLY B 87 -18.78 -0.55 -0.65
C GLY B 87 -20.15 -0.34 -0.04
N VAL B 88 -20.17 -0.28 1.30
CA VAL B 88 -21.42 -0.33 2.06
C VAL B 88 -22.32 0.87 1.77
N GLY B 89 -21.76 1.98 1.35
CA GLY B 89 -22.62 3.14 1.10
C GLY B 89 -23.01 3.76 2.42
N MET B 90 -23.88 4.76 2.32
CA MET B 90 -24.18 5.65 3.44
C MET B 90 -25.64 6.07 3.34
N THR B 91 -26.42 5.79 4.38
CA THR B 91 -27.81 6.19 4.42
C THR B 91 -27.91 7.71 4.51
N ARG B 92 -29.16 8.19 4.44
CA ARG B 92 -29.38 9.62 4.57
C ARG B 92 -28.98 10.12 5.94
N GLU B 93 -29.42 9.43 7.00
CA GLU B 93 -29.04 9.79 8.37
C GLU B 93 -27.53 9.87 8.54
N GLU B 94 -26.80 8.90 7.97
CA GLU B 94 -25.34 8.93 8.09
C GLU B 94 -24.74 10.15 7.41
N LEU B 95 -25.30 10.56 6.26
CA LEU B 95 -24.80 11.77 5.61
C LEU B 95 -25.12 13.03 6.42
N VAL B 96 -26.32 13.07 7.02
CA VAL B 96 -26.69 14.25 7.81
C VAL B 96 -25.91 14.28 9.11
N LYS B 97 -25.80 13.13 9.78
CA LYS B 97 -25.06 12.99 11.02
C LYS B 97 -23.64 12.49 10.74
N ASN B 98 -22.91 13.26 9.93
CA ASN B 98 -21.59 12.87 9.43
C ASN B 98 -20.47 13.38 10.31
N LEU B 99 -20.71 13.48 11.62
CA LEU B 99 -19.98 14.37 12.52
C LEU B 99 -20.28 15.83 12.20
N GLY B 100 -21.52 16.09 11.79
CA GLY B 100 -22.00 17.44 11.50
C GLY B 100 -23.51 17.53 11.44
N THR B 124 -0.06 15.79 11.61
CA THR B 124 -1.48 15.66 11.29
C THR B 124 -1.74 14.56 10.26
N SER B 125 -0.70 14.22 9.49
CA SER B 125 -0.85 13.27 8.38
C SER B 125 -1.43 11.95 8.86
N GLU B 126 -0.81 11.33 9.85
CA GLU B 126 -1.38 10.15 10.47
C GLU B 126 -2.50 10.50 11.45
N LEU B 127 -2.48 11.72 12.00
CA LEU B 127 -3.49 12.10 12.97
C LEU B 127 -4.89 12.08 12.35
N ILE B 128 -5.07 12.76 11.21
CA ILE B 128 -6.39 12.89 10.61
C ILE B 128 -6.91 11.54 10.15
N GLY B 129 -6.02 10.68 9.62
CA GLY B 129 -6.46 9.39 9.14
C GLY B 129 -7.04 8.51 10.24
N GLN B 130 -6.33 8.43 11.37
CA GLN B 130 -6.81 7.66 12.52
C GLN B 130 -7.92 8.37 13.28
N PHE B 131 -8.04 9.69 13.13
CA PHE B 131 -9.02 10.47 13.87
C PHE B 131 -10.42 10.34 13.29
N GLY B 132 -10.55 9.78 12.08
CA GLY B 132 -11.80 9.77 11.36
C GLY B 132 -12.09 11.02 10.58
N VAL B 133 -11.18 11.99 10.56
CA VAL B 133 -11.40 13.28 9.94
C VAL B 133 -10.77 13.38 8.55
N GLY B 134 -10.22 12.27 8.04
CA GLY B 134 -9.37 12.34 6.87
C GLY B 134 -10.09 12.72 5.59
N PHE B 135 -11.38 12.40 5.50
CA PHE B 135 -12.16 12.76 4.31
C PHE B 135 -12.14 14.27 4.06
N TYR B 136 -12.16 15.07 5.14
CA TYR B 136 -12.21 16.52 4.99
C TYR B 136 -10.89 17.12 4.50
N SER B 137 -9.84 16.32 4.33
CA SER B 137 -8.65 16.78 3.62
C SER B 137 -8.92 16.98 2.13
N ALA B 138 -10.08 16.55 1.63
CA ALA B 138 -10.44 16.80 0.24
C ALA B 138 -10.55 18.29 -0.06
N PHE B 139 -10.85 19.09 0.97
CA PHE B 139 -10.98 20.54 0.80
C PHE B 139 -9.63 21.26 0.70
N LEU B 140 -8.52 20.53 0.75
CA LEU B 140 -7.24 21.16 0.43
C LEU B 140 -7.08 21.41 -1.06
N VAL B 141 -7.79 20.66 -1.90
CA VAL B 141 -7.70 20.82 -3.35
C VAL B 141 -9.04 21.12 -3.99
N ALA B 142 -10.14 21.10 -3.24
CA ALA B 142 -11.47 21.23 -3.80
C ALA B 142 -12.23 22.35 -3.10
N ASP B 143 -12.82 23.24 -3.89
CA ASP B 143 -13.69 24.28 -3.36
C ASP B 143 -15.05 23.75 -2.96
N LYS B 144 -15.42 22.56 -3.43
CA LYS B 144 -16.71 21.94 -3.19
C LYS B 144 -16.51 20.44 -3.26
N VAL B 145 -17.11 19.72 -2.33
CA VAL B 145 -17.09 18.27 -2.33
C VAL B 145 -18.53 17.78 -2.38
N ILE B 146 -18.81 16.83 -3.27
N ILE B 146 -18.82 16.90 -3.32
CA ILE B 146 -20.15 16.28 -3.42
CA ILE B 146 -20.13 16.25 -3.44
C ILE B 146 -20.08 14.76 -3.22
C ILE B 146 -19.94 14.78 -3.08
N VAL B 147 -20.85 14.26 -2.27
CA VAL B 147 -20.87 12.84 -1.93
C VAL B 147 -22.21 12.28 -2.41
N THR B 148 -22.15 11.34 -3.35
CA THR B 148 -23.32 10.63 -3.85
C THR B 148 -23.23 9.22 -3.27
N SER B 149 -24.26 8.78 -2.57
CA SER B 149 -24.10 7.50 -1.88
C SER B 149 -25.41 6.74 -1.88
N LYS B 150 -25.29 5.42 -2.01
CA LYS B 150 -26.42 4.50 -1.97
C LYS B 150 -26.09 3.35 -1.03
N HIS B 151 -26.93 3.18 -0.02
CA HIS B 151 -26.87 2.10 0.94
C HIS B 151 -28.01 1.13 0.67
N ASN B 152 -27.83 -0.13 1.03
CA ASN B 152 -28.86 -1.14 0.77
C ASN B 152 -30.19 -0.79 1.43
N ASN B 153 -30.15 -0.05 2.54
CA ASN B 153 -31.33 0.23 3.34
C ASN B 153 -31.95 1.60 3.07
N ASP B 154 -31.60 2.26 1.97
CA ASP B 154 -32.04 3.63 1.79
C ASP B 154 -31.89 4.02 0.33
N THR B 155 -32.54 5.11 -0.04
CA THR B 155 -32.42 5.59 -1.40
C THR B 155 -31.10 6.34 -1.57
N GLN B 156 -30.74 6.53 -2.85
CA GLN B 156 -29.56 7.30 -3.17
C GLN B 156 -29.72 8.76 -2.79
N HIS B 157 -28.66 9.33 -2.20
CA HIS B 157 -28.69 10.70 -1.73
C HIS B 157 -27.42 11.42 -2.18
N ILE B 158 -27.51 12.75 -2.22
CA ILE B 158 -26.41 13.62 -2.56
C ILE B 158 -26.16 14.55 -1.39
N TRP B 159 -24.91 14.58 -0.91
CA TRP B 159 -24.44 15.52 0.10
C TRP B 159 -23.50 16.52 -0.58
N GLU B 160 -23.70 17.80 -0.31
CA GLU B 160 -22.86 18.83 -0.90
C GLU B 160 -22.38 19.80 0.17
N SER B 161 -21.14 20.28 0.02
CA SER B 161 -20.62 21.26 0.96
C SER B 161 -19.42 22.00 0.38
N ASP B 162 -19.22 23.21 0.87
CA ASP B 162 -18.03 24.01 0.60
C ASP B 162 -17.18 24.25 1.85
N SER B 163 -17.43 23.49 2.91
CA SER B 163 -16.86 23.56 4.26
C SER B 163 -17.52 24.62 5.14
N ASN B 164 -18.46 25.42 4.63
CA ASN B 164 -19.15 26.40 5.49
C ASN B 164 -20.44 25.82 6.05
N GLU B 165 -21.37 25.45 5.17
CA GLU B 165 -22.56 24.68 5.50
C GLU B 165 -22.57 23.42 4.63
N PHE B 166 -23.66 22.65 4.73
CA PHE B 166 -23.84 21.50 3.86
C PHE B 166 -25.32 21.20 3.73
N SER B 167 -25.66 20.44 2.69
CA SER B 167 -27.04 19.99 2.52
C SER B 167 -27.03 18.55 2.05
N VAL B 168 -28.16 17.88 2.24
CA VAL B 168 -28.36 16.49 1.82
C VAL B 168 -29.71 16.39 1.14
N ILE B 169 -29.74 15.90 -0.10
CA ILE B 169 -30.98 15.80 -0.85
C ILE B 169 -31.14 14.38 -1.40
N ALA B 170 -32.39 14.01 -1.67
CA ALA B 170 -32.62 12.79 -2.44
C ALA B 170 -32.06 12.97 -3.83
N ASP B 171 -31.33 11.97 -4.31
CA ASP B 171 -30.73 12.10 -5.63
C ASP B 171 -31.83 12.08 -6.68
N PRO B 172 -32.06 13.17 -7.43
CA PRO B 172 -33.10 13.15 -8.46
C PRO B 172 -32.86 12.12 -9.55
N ARG B 173 -31.65 11.61 -9.69
CA ARG B 173 -31.38 10.60 -10.71
C ARG B 173 -31.75 9.20 -10.26
N GLY B 174 -32.22 9.03 -9.03
CA GLY B 174 -32.54 7.70 -8.56
C GLY B 174 -31.30 6.89 -8.25
N ASN B 175 -31.47 5.57 -8.26
CA ASN B 175 -30.42 4.63 -7.88
C ASN B 175 -29.52 4.38 -9.09
N THR B 176 -28.51 5.24 -9.28
CA THR B 176 -27.53 5.02 -10.33
C THR B 176 -26.29 4.25 -9.84
N LEU B 177 -25.98 4.31 -8.54
CA LEU B 177 -24.79 3.62 -8.08
C LEU B 177 -25.02 2.15 -7.82
N GLY B 178 -26.26 1.76 -7.49
CA GLY B 178 -26.54 0.39 -7.10
C GLY B 178 -26.24 0.14 -5.64
N ARG B 179 -25.00 0.40 -5.25
CA ARG B 179 -24.55 0.44 -3.87
C ARG B 179 -23.16 1.07 -3.89
N GLY B 180 -22.86 1.87 -2.87
CA GLY B 180 -21.55 2.48 -2.76
C GLY B 180 -21.60 3.99 -2.69
N THR B 181 -20.48 4.64 -3.00
CA THR B 181 -20.33 6.07 -2.77
C THR B 181 -19.44 6.65 -3.84
N THR B 182 -19.79 7.83 -4.35
CA THR B 182 -18.90 8.61 -5.20
C THR B 182 -18.55 9.90 -4.48
N ILE B 183 -17.25 10.17 -4.35
CA ILE B 183 -16.75 11.44 -3.82
C ILE B 183 -16.33 12.27 -5.03
N THR B 184 -17.06 13.35 -5.31
CA THR B 184 -16.75 14.23 -6.43
C THR B 184 -16.14 15.51 -5.91
N LEU B 185 -14.97 15.87 -6.43
CA LEU B 185 -14.24 17.07 -6.02
C LEU B 185 -14.32 18.09 -7.14
N VAL B 186 -14.83 19.29 -6.81
CA VAL B 186 -14.71 20.43 -7.70
C VAL B 186 -13.38 21.08 -7.36
N LEU B 187 -12.38 20.88 -8.22
CA LEU B 187 -11.02 21.23 -7.88
C LEU B 187 -10.82 22.75 -7.90
N LYS B 188 -9.95 23.22 -7.01
CA LYS B 188 -9.54 24.61 -7.08
C LYS B 188 -8.77 24.85 -8.37
N GLU B 189 -8.65 26.13 -8.74
CA GLU B 189 -7.96 26.47 -9.97
C GLU B 189 -6.53 25.96 -10.01
N GLU B 190 -5.87 25.88 -8.85
CA GLU B 190 -4.47 25.46 -8.84
C GLU B 190 -4.32 23.95 -8.61
N ALA B 191 -5.41 23.24 -8.39
CA ALA B 191 -5.37 21.78 -8.25
C ALA B 191 -5.72 21.08 -9.56
N SER B 192 -5.59 21.78 -10.69
CA SER B 192 -6.01 21.25 -11.98
C SER B 192 -5.16 20.08 -12.43
N ASP B 193 -3.93 19.96 -11.93
CA ASP B 193 -3.09 18.83 -12.28
C ASP B 193 -3.72 17.51 -11.84
N TYR B 194 -4.64 17.53 -10.87
CA TYR B 194 -5.33 16.32 -10.46
C TYR B 194 -6.38 15.86 -11.48
N LEU B 195 -6.62 16.60 -12.55
CA LEU B 195 -7.43 16.10 -13.65
C LEU B 195 -6.60 15.41 -14.71
N GLU B 196 -5.31 15.26 -14.48
CA GLU B 196 -4.36 14.71 -15.43
C GLU B 196 -4.17 13.23 -15.17
N LEU B 197 -4.19 12.43 -16.24
CA LEU B 197 -4.09 10.98 -16.08
C LEU B 197 -2.74 10.56 -15.48
N ASP B 198 -1.65 11.19 -15.91
CA ASP B 198 -0.35 10.83 -15.34
C ASP B 198 -0.26 11.20 -13.86
N THR B 199 -0.79 12.36 -13.46
CA THR B 199 -0.77 12.73 -12.05
C THR B 199 -1.56 11.73 -11.20
N ILE B 200 -2.80 11.45 -11.59
CA ILE B 200 -3.65 10.62 -10.75
C ILE B 200 -3.16 9.18 -10.74
N LYS B 201 -2.71 8.68 -11.89
CA LYS B 201 -2.23 7.30 -11.94
C LYS B 201 -1.01 7.11 -11.04
N ASN B 202 -0.05 8.05 -11.11
CA ASN B 202 1.11 7.98 -10.23
C ASN B 202 0.70 8.08 -8.77
N LEU B 203 -0.28 8.93 -8.48
CA LEU B 203 -0.71 9.14 -7.09
C LEU B 203 -1.38 7.90 -6.51
N VAL B 204 -2.23 7.22 -7.31
CA VAL B 204 -2.89 6.02 -6.82
C VAL B 204 -1.88 4.93 -6.48
N LYS B 205 -0.84 4.80 -7.32
CA LYS B 205 0.20 3.82 -7.03
C LYS B 205 0.89 4.14 -5.71
N LYS B 206 1.22 5.42 -5.50
CA LYS B 206 1.93 5.83 -4.30
C LYS B 206 1.13 5.56 -3.03
N TYR B 207 -0.20 5.46 -3.12
CA TYR B 207 -1.03 5.22 -1.95
C TYR B 207 -1.83 3.93 -2.07
N SER B 208 -1.42 2.99 -2.93
CA SER B 208 -2.08 1.68 -3.01
C SER B 208 -1.79 0.89 -1.74
N GLN B 209 -1.07 1.56 -0.82
CA GLN B 209 -0.82 1.06 0.52
C GLN B 209 -2.10 0.88 1.31
N PHE B 210 -3.02 1.85 1.21
CA PHE B 210 -4.22 1.85 2.03
C PHE B 210 -5.39 1.18 1.33
N ILE B 211 -5.13 0.36 0.31
CA ILE B 211 -6.16 -0.25 -0.52
C ILE B 211 -5.99 -1.76 -0.47
N ASN B 212 -7.07 -2.45 -0.14
CA ASN B 212 -7.11 -3.90 -0.08
C ASN B 212 -7.60 -4.50 -1.38
N PHE B 213 -8.53 -3.81 -2.03
CA PHE B 213 -9.37 -4.13 -3.17
C PHE B 213 -8.80 -3.50 -4.43
N PRO B 214 -9.21 -3.98 -5.60
CA PRO B 214 -8.68 -3.42 -6.85
C PRO B 214 -9.06 -1.96 -7.04
N ILE B 215 -8.08 -1.14 -7.47
CA ILE B 215 -8.33 0.26 -7.81
C ILE B 215 -8.05 0.46 -9.28
N TYR B 216 -9.02 1.07 -9.97
CA TYR B 216 -8.97 1.37 -11.39
C TYR B 216 -8.96 2.88 -11.60
N VAL B 217 -8.33 3.29 -12.70
CA VAL B 217 -8.39 4.67 -13.17
C VAL B 217 -8.91 4.65 -14.60
N TRP B 218 -9.96 5.41 -14.87
CA TRP B 218 -10.50 5.50 -16.22
C TRP B 218 -9.44 6.06 -17.13
N SER B 219 -8.91 5.23 -18.03
CA SER B 219 -7.79 5.61 -18.89
C SER B 219 -8.29 6.05 -20.26
N SER B 220 -9.07 7.13 -20.27
CA SER B 220 -9.71 7.60 -21.49
C SER B 220 -10.31 8.97 -21.22
N LYS B 221 -10.89 9.57 -22.26
CA LYS B 221 -11.61 10.83 -22.16
C LYS B 221 -12.99 10.64 -21.52
N GLY B 226 -13.93 7.61 -24.49
CA GLY B 226 -14.41 6.39 -25.13
C GLY B 226 -15.40 5.63 -24.26
N LYS B 227 -15.67 4.36 -24.60
CA LYS B 227 -16.56 3.54 -23.78
C LYS B 227 -16.19 2.06 -24.00
N THR B 228 -15.47 1.51 -23.04
CA THR B 228 -15.14 0.08 -23.05
C THR B 228 -14.75 -0.32 -21.63
N VAL B 229 -15.11 -1.54 -21.24
CA VAL B 229 -14.72 -2.01 -19.93
C VAL B 229 -13.22 -2.25 -19.87
N TRP B 230 -12.58 -2.45 -21.02
CA TRP B 230 -11.13 -2.52 -21.09
C TRP B 230 -10.46 -1.18 -20.88
N ASP B 231 -11.24 -0.08 -20.83
CA ASP B 231 -10.70 1.26 -20.66
C ASP B 231 -10.33 1.57 -19.21
N TRP B 232 -10.59 0.67 -18.28
CA TRP B 232 -10.10 0.81 -16.93
C TRP B 232 -8.69 0.21 -16.85
N GLU B 233 -7.74 0.99 -16.35
CA GLU B 233 -6.44 0.46 -15.98
C GLU B 233 -6.46 0.10 -14.51
N LEU B 234 -6.13 -1.16 -14.20
CA LEU B 234 -5.96 -1.60 -12.82
C LEU B 234 -4.64 -1.06 -12.29
N MET B 235 -4.68 -0.39 -11.13
CA MET B 235 -3.45 0.22 -10.61
C MET B 235 -2.75 -0.56 -9.51
N ASN B 236 -3.40 -1.55 -8.91
CA ASN B 236 -2.76 -2.24 -7.80
C ASN B 236 -2.87 -3.73 -7.98
C96 H71 C . 23.65 -3.35 -8.30
C95 H71 C . 22.56 -4.30 -7.72
C97 H71 C . 23.15 -5.72 -7.40
N94 H71 C . 21.88 -3.66 -6.52
C93 H71 C . 20.42 -3.84 -6.50
C92 H71 C . 19.92 -4.30 -5.13
C91 H71 C . 20.59 -5.60 -4.61
N9 H71 C . 19.52 -6.41 -3.93
C4 H71 C . 18.82 -7.39 -4.49
N3 H71 C . 18.90 -7.94 -5.74
C2 H71 C . 18.01 -8.95 -5.94
N1 H71 C . 17.11 -9.46 -5.05
C6 H71 C . 17.06 -8.89 -3.80
N6 H71 C . 16.11 -9.41 -2.89
C5 H71 C . 17.92 -7.84 -3.49
N7 H71 C . 18.12 -7.07 -2.33
C8 H71 C . 19.09 -6.19 -2.65
S H71 C . 19.72 -4.99 -1.50
C1' H71 C . 21.35 -5.49 -0.99
C6' H71 C . 21.57 -6.91 -0.85
C5' H71 C . 22.79 -7.34 -0.49
O3' H71 C . 23.21 -8.68 -0.29
C'2 H71 C . 24.46 -8.55 0.39
O1' H71 C . 24.99 -7.26 0.16
C4' H71 C . 23.83 -6.48 -0.23
C3' H71 C . 23.69 -5.12 -0.33
C2' H71 C . 22.42 -4.63 -0.73
I H71 C . 22.18 -2.57 -0.91
O1 PG4 D . 12.93 -21.90 -1.65
C1 PG4 D . 13.38 -22.26 -0.35
C2 PG4 D . 13.89 -21.07 0.41
O2 PG4 D . 14.00 -21.40 1.78
C3 PG4 D . 13.70 -20.32 2.66
C4 PG4 D . 14.23 -20.61 4.03
O3 PG4 D . 13.98 -21.98 4.34
C5 PG4 D . 14.64 -22.25 5.57
C6 PG4 D . 14.30 -23.65 6.00
O4 PG4 D . 13.27 -23.66 6.97
O1 PG4 E . 17.69 -22.00 1.73
C1 PG4 E . 18.24 -20.70 1.84
C2 PG4 E . 18.45 -20.32 3.29
O2 PG4 E . 19.80 -20.58 3.66
C3 PG4 E . 20.22 -19.83 4.79
C4 PG4 E . 21.50 -20.41 5.33
O3 PG4 E . 21.28 -21.68 5.93
O1 PG4 F . 8.85 -25.15 6.39
C1 PG4 F . 9.20 -24.89 5.03
C2 PG4 F . 8.00 -24.93 4.14
O2 PG4 F . 8.24 -24.11 2.99
C3 PG4 F . 9.15 -24.69 2.07
C4 PG4 F . 9.77 -23.62 1.22
O3 PG4 F . 11.09 -23.34 1.68
CA CA G . 21.54 -20.40 -16.77
C96 H71 H . -21.25 5.73 9.09
C95 H71 H . -19.83 5.35 9.59
C97 H71 H . -19.84 4.98 11.09
N94 H71 H . -18.86 6.48 9.30
C93 H71 H . -17.65 6.04 8.59
C92 H71 H . -17.18 7.12 7.63
C91 H71 H . -18.24 7.48 6.55
N9 H71 H . -17.69 7.26 5.15
C4 H71 H . -18.07 6.30 4.31
N3 H71 H . -19.02 5.34 4.47
C2 H71 H . -19.15 4.53 3.37
N1 H71 H . -18.46 4.60 2.21
C6 H71 H . -17.51 5.56 2.07
N6 H71 H . -16.82 5.59 0.84
C5 H71 H . -17.30 6.46 3.12
N7 H71 H . -16.43 7.57 3.32
C8 H71 H . -16.70 8.03 4.57
S H71 H . -15.87 9.42 5.29
C1' H71 H . -16.99 10.82 5.43
C6' H71 H . -17.92 10.95 4.37
C5' H71 H . -18.81 11.96 4.39
O3' H71 H . -19.80 12.24 3.42
C'2 H71 H . -20.19 13.58 3.77
O1' H71 H . -19.91 13.82 5.15
C4' H71 H . -18.87 12.87 5.42
C3' H71 H . -18.01 12.82 6.48
C2' H71 H . -17.06 11.76 6.49
I H71 H . -15.76 11.71 8.12
CA CA I . -9.65 -1.08 4.24
C ACT J . -14.11 -3.84 -14.24
O ACT J . -14.53 -4.44 -13.21
OXT ACT J . -14.47 -2.72 -14.70
CH3 ACT J . -12.98 -4.58 -15.06
O2 PG4 K . -22.96 14.28 -9.30
C3 PG4 K . -22.10 13.40 -8.61
C4 PG4 K . -21.72 12.25 -9.46
O3 PG4 K . -22.51 11.09 -9.19
C5 PG4 K . -22.35 10.23 -10.31
C6 PG4 K . -23.53 9.32 -10.44
O4 PG4 K . -23.94 9.30 -11.80
C1 PEG L . -16.86 6.03 -17.90
O1 PEG L . -16.98 7.44 -18.09
C2 PEG L . -18.20 5.38 -17.70
O2 PEG L . -18.09 4.34 -16.74
C3 PEG L . -18.17 4.81 -15.40
C4 PEG L . -19.60 4.90 -14.97
O4 PEG L . -20.09 6.23 -15.04
C1 PEG M . -20.08 7.49 -12.11
O1 PEG M . -20.26 6.36 -11.27
C2 PEG M . -19.02 8.41 -11.60
O2 PEG M . -18.63 9.32 -12.63
C3 PEG M . -19.60 10.33 -12.88
C4 PEG M . -19.09 11.31 -13.90
O4 PEG M . -19.19 10.82 -15.23
MG MG N . -12.11 -6.73 3.49
C ACT O . -30.46 -5.66 -0.55
O ACT O . -31.23 -4.77 -0.10
OXT ACT O . -30.28 -6.84 -0.13
CH3 ACT O . -29.59 -5.28 -1.79
CA CA P . -32.93 -2.68 -0.14
#